data_5NZD
#
_entry.id   5NZD
#
_cell.length_a   49.460
_cell.length_b   64.613
_cell.length_c   84.292
_cell.angle_alpha   90.00
_cell.angle_beta   90.00
_cell.angle_gamma   90.00
#
_symmetry.space_group_name_H-M   'P 21 21 21'
#
loop_
_entity.id
_entity.type
_entity.pdbx_description
1 polymer 'guanidine III riboswitch'
2 non-polymer 'MAGNESIUM ION'
3 non-polymer 'SODIUM ION'
4 non-polymer 'ACETATE ION'
5 water water
#
_entity_poly.entity_id   1
_entity_poly.type   'polyribonucleotide'
_entity_poly.pdbx_seq_one_letter_code
;C(CBV)GGACGAGGUGCGCCGUACCCGGUCAGGACAAGACGG(CBV)GC
;
_entity_poly.pdbx_strand_id   A,B
#
loop_
_chem_comp.id
_chem_comp.type
_chem_comp.name
_chem_comp.formula
A RNA linking ADENOSINE-5'-MONOPHOSPHATE 'C10 H14 N5 O7 P'
ACT non-polymer 'ACETATE ION' 'C2 H3 O2 -1'
C RNA linking CYTIDINE-5'-MONOPHOSPHATE 'C9 H14 N3 O8 P'
CBV RNA linking '5-BROMOCYTIDINE 5'-(DIHYDROGEN PHOSPHATE)' 'C9 H13 Br N3 O8 P'
G RNA linking GUANOSINE-5'-MONOPHOSPHATE 'C10 H14 N5 O8 P'
MG non-polymer 'MAGNESIUM ION' 'Mg 2'
NA non-polymer 'SODIUM ION' 'Na 1'
U RNA linking URIDINE-5'-MONOPHOSPHATE 'C9 H13 N2 O9 P'
#
# COMPACT_ATOMS: atom_id res chain seq x y z
O3P CBV A 2 12.85 2.98 -21.87
P CBV A 2 12.15 2.48 -23.12
O1P CBV A 2 11.38 3.46 -23.96
O2P CBV A 2 13.09 1.92 -24.17
O5' CBV A 2 11.12 1.35 -22.67
C5' CBV A 2 10.71 0.35 -23.61
C4' CBV A 2 10.22 -0.89 -22.92
O4' CBV A 2 11.34 -1.67 -22.40
C3' CBV A 2 9.35 -0.68 -21.70
O3' CBV A 2 8.03 -0.26 -21.99
C2' CBV A 2 9.46 -2.03 -21.01
O2' CBV A 2 8.71 -3.02 -21.71
C1' CBV A 2 10.94 -2.32 -21.21
N1 CBV A 2 11.71 -1.79 -20.07
C2 CBV A 2 11.73 -2.61 -18.84
O2 CBV A 2 11.18 -3.65 -18.83
N3 CBV A 2 12.44 -2.13 -17.64
C4 CBV A 2 13.11 -0.86 -17.66
N4 CBV A 2 13.82 -0.41 -16.48
C5 CBV A 2 13.09 -0.01 -18.90
C6 CBV A 2 12.36 -0.49 -20.10
BR CBV A 2 14.01 1.70 -18.91
O3P CBV A 39 1.46 25.62 -12.53
P CBV A 39 2.51 24.57 -12.83
O1P CBV A 39 2.99 24.85 -11.42
O2P CBV A 39 2.83 25.36 -14.07
O5' CBV A 39 1.34 23.51 -12.99
C5' CBV A 39 0.83 23.21 -14.27
C4' CBV A 39 -0.39 22.34 -14.20
O4' CBV A 39 -0.11 21.20 -13.35
C3' CBV A 39 -1.62 22.95 -13.55
O3' CBV A 39 -2.30 23.86 -14.41
C2' CBV A 39 -2.42 21.70 -13.17
O2' CBV A 39 -3.00 21.10 -14.32
C1' CBV A 39 -1.29 20.77 -12.71
N1 CBV A 39 -1.09 20.87 -11.26
C2 CBV A 39 -2.09 20.27 -10.36
O2 CBV A 39 -3.02 19.72 -10.83
N3 CBV A 39 -1.94 20.37 -8.91
C4 CBV A 39 -0.81 21.07 -8.35
N4 CBV A 39 -0.70 21.11 -6.92
C5 CBV A 39 0.21 21.67 -9.27
C6 CBV A 39 0.05 21.58 -10.73
BR CBV A 39 1.77 22.60 -8.61
O3P CBV B 2 5.58 -18.61 17.92
P CBV B 2 5.44 -19.68 16.88
O1P CBV B 2 4.04 -20.16 16.52
O2P CBV B 2 6.26 -20.74 17.51
O5' CBV B 2 6.14 -19.08 15.59
C5' CBV B 2 7.53 -18.80 15.61
C4' CBV B 2 8.08 -18.60 14.22
O4' CBV B 2 8.07 -19.86 13.50
C3' CBV B 2 7.28 -17.66 13.32
O3' CBV B 2 7.51 -16.29 13.58
C2' CBV B 2 7.72 -18.12 11.94
O2' CBV B 2 9.04 -17.68 11.65
C1' CBV B 2 7.76 -19.63 12.13
N1 CBV B 2 6.47 -20.27 11.81
C2 CBV B 2 6.19 -20.42 10.36
O2 CBV B 2 6.96 -20.06 9.55
N3 CBV B 2 4.93 -21.07 9.93
C4 CBV B 2 3.98 -21.55 10.90
N4 CBV B 2 2.78 -22.18 10.41
C5 CBV B 2 4.25 -21.40 12.37
C6 CBV B 2 5.52 -20.74 12.80
BR CBV B 2 2.95 -22.02 13.68
O3P CBV B 39 -16.02 -4.28 23.46
P CBV B 39 -15.27 -5.42 22.79
O1P CBV B 39 -16.63 -5.87 22.24
O2P CBV B 39 -14.68 -5.61 24.16
O5' CBV B 39 -14.48 -4.40 21.85
C5' CBV B 39 -13.22 -3.90 22.23
C4' CBV B 39 -12.65 -2.94 21.22
O4' CBV B 39 -12.81 -3.47 19.88
C3' CBV B 39 -13.30 -1.56 21.14
O3' CBV B 39 -12.81 -0.72 22.16
C2' CBV B 39 -12.89 -1.09 19.75
O2' CBV B 39 -11.56 -0.60 19.77
C1' CBV B 39 -12.90 -2.40 18.96
N1 CBV B 39 -14.13 -2.57 18.15
C2 CBV B 39 -14.29 -1.76 16.94
O2 CBV B 39 -13.45 -0.98 16.61
N3 CBV B 39 -15.49 -1.97 16.11
C4 CBV B 39 -16.49 -2.91 16.49
N4 CBV B 39 -17.65 -3.07 15.66
C5 CBV B 39 -16.32 -3.71 17.71
C6 CBV B 39 -15.11 -3.54 18.53
BR CBV B 39 -17.65 -4.98 18.24
MG MG C . -3.69 19.53 4.63
MG MG D . -2.05 25.42 -6.32
MG MG E . -1.79 17.34 -1.14
MG MG F . 10.45 2.96 -15.98
MG MG G . 3.36 -0.12 0.96
NA NA H . 16.97 -1.15 -11.81
NA NA I . 2.12 -6.04 -20.64
C ACT J . 2.88 11.39 -6.02
O ACT J . 4.01 11.79 -5.65
OXT ACT J . 2.58 11.59 -7.22
CH3 ACT J . 1.95 10.72 -5.07
H1 ACT J . 1.03 10.47 -5.60
H2 ACT J . 1.72 11.39 -4.26
H3 ACT J . 2.42 9.82 -4.69
MG MG K . -7.26 -11.39 -3.56
MG MG L . 0.22 -17.77 12.80
MG MG M . -18.47 -2.98 8.76
MG MG N . 1.91 -25.77 6.25
C ACT O . -11.31 -8.57 8.82
O ACT O . -12.08 -9.56 8.90
OXT ACT O . -10.58 -8.33 9.80
CH3 ACT O . -11.27 -7.69 7.62
H1 ACT O . -10.54 -6.89 7.79
H2 ACT O . -12.26 -7.25 7.45
H3 ACT O . -10.98 -8.28 6.75
#